data_1HNB
#
_entry.id   1HNB
#
_cell.length_a   57.000
_cell.length_b   86.080
_cell.length_c   105.850
_cell.angle_alpha   90.00
_cell.angle_beta   90.00
_cell.angle_gamma   90.00
#
_symmetry.space_group_name_H-M   'P 21 21 21'
#
loop_
_entity.id
_entity.type
_entity.pdbx_description
1 polymer 'GLUTATHIONE S-TRANSFERASE'
2 non-polymer 'GLUTATHIONE S-(2,4 DINITROBENZENE)'
#
_entity_poly.entity_id   1
_entity_poly.type   'polypeptide(L)'
_entity_poly.pdbx_seq_one_letter_code
;PMTLGYWNIRGLAHSIRLLLEYTDSSYEEKKYTMGDAPDYDRSQWLNEKFKLGLDFPNLPYLIDGTHKITQSNAILRYIA
RKHNLCGESEKEQIREDILENQFMDSRMQLAKLCYDPDFEKLKPEYLQALPEMLKLYSQFLGKQPWFLGDKITFVDFIAY
DVLERNQVFEPSCLDAFPNLKDFISRFEGLEKISAYMKSSRFLPRPVFTKMAVFGNK
;
_entity_poly.pdbx_strand_id   A,B
#
loop_
_chem_comp.id
_chem_comp.type
_chem_comp.name
_chem_comp.formula
GDN non-polymer 'GLUTATHIONE S-(2,4 DINITROBENZENE)' 'C16 H19 N5 O10 S'
#
# COMPACT_ATOMS: atom_id res chain seq x y z
N PRO A 1 1.95 26.49 -11.24
CA PRO A 1 0.97 25.91 -10.27
C PRO A 1 0.82 24.42 -10.54
N MET A 2 0.25 23.70 -9.58
CA MET A 2 0.05 22.27 -9.71
C MET A 2 -1.44 22.03 -9.65
N THR A 3 -1.84 20.79 -9.86
CA THR A 3 -3.26 20.44 -9.83
C THR A 3 -3.51 19.11 -9.14
N LEU A 4 -4.19 19.19 -7.99
CA LEU A 4 -4.54 18.02 -7.20
C LEU A 4 -6.03 17.80 -7.44
N GLY A 5 -6.50 16.57 -7.27
CA GLY A 5 -7.91 16.34 -7.50
C GLY A 5 -8.46 15.18 -6.69
N TYR A 6 -9.59 15.40 -6.04
CA TYR A 6 -10.23 14.37 -5.24
C TYR A 6 -11.70 14.71 -5.05
N TRP A 7 -12.38 13.86 -4.29
CA TRP A 7 -13.78 14.07 -4.00
C TRP A 7 -13.90 15.17 -2.98
N ASN A 8 -15.05 15.85 -2.97
CA ASN A 8 -15.36 16.96 -2.05
C ASN A 8 -15.20 16.55 -0.56
N ILE A 9 -15.02 15.25 -0.35
CA ILE A 9 -14.85 14.69 0.99
C ILE A 9 -13.38 14.71 1.43
N ARG A 10 -13.12 14.05 2.57
CA ARG A 10 -11.78 13.94 3.14
C ARG A 10 -10.91 13.02 2.27
N GLY A 11 -11.08 11.71 2.48
CA GLY A 11 -10.32 10.72 1.74
C GLY A 11 -8.82 10.80 1.91
N LEU A 12 -8.13 10.21 0.96
CA LEU A 12 -6.67 10.14 0.95
C LEU A 12 -6.02 11.51 0.75
N ALA A 13 -6.61 12.32 -0.12
CA ALA A 13 -6.09 13.64 -0.43
C ALA A 13 -5.86 14.59 0.75
N HIS A 14 -6.18 14.15 1.95
CA HIS A 14 -6.00 14.99 3.12
C HIS A 14 -4.55 15.28 3.46
N SER A 15 -3.78 14.27 3.82
CA SER A 15 -2.37 14.47 4.15
C SER A 15 -1.70 15.15 2.97
N ILE A 16 -2.13 14.78 1.77
CA ILE A 16 -1.59 15.32 0.54
C ILE A 16 -1.70 16.85 0.53
N ARG A 17 -2.83 17.35 1.02
CA ARG A 17 -3.04 18.78 1.08
C ARG A 17 -2.19 19.37 2.20
N LEU A 18 -2.10 18.64 3.30
CA LEU A 18 -1.30 19.07 4.44
C LEU A 18 0.18 19.17 4.07
N LEU A 19 0.68 18.22 3.31
CA LEU A 19 2.08 18.25 2.90
C LEU A 19 2.32 19.37 1.91
N LEU A 20 1.27 19.75 1.18
CA LEU A 20 1.38 20.80 0.18
C LEU A 20 1.43 22.19 0.82
N GLU A 21 0.92 22.28 2.04
CA GLU A 21 0.92 23.53 2.76
C GLU A 21 2.26 23.76 3.48
N TYR A 22 2.79 22.71 4.08
CA TYR A 22 4.07 22.79 4.78
C TYR A 22 5.22 23.13 3.82
N THR A 23 4.98 22.94 2.53
CA THR A 23 6.00 23.19 1.53
C THR A 23 5.73 24.46 0.73
N ASP A 24 4.67 25.17 1.07
CA ASP A 24 4.30 26.40 0.38
C ASP A 24 4.05 26.19 -1.12
N SER A 25 3.78 24.95 -1.51
CA SER A 25 3.54 24.61 -2.91
C SER A 25 2.26 25.26 -3.44
N SER A 26 2.37 25.99 -4.55
CA SER A 26 1.20 26.64 -5.15
C SER A 26 0.45 25.62 -5.99
N TYR A 27 -0.60 25.05 -5.41
CA TYR A 27 -1.41 24.04 -6.08
C TYR A 27 -2.85 24.50 -6.22
N GLU A 28 -3.62 23.76 -7.01
CA GLU A 28 -5.02 24.07 -7.22
C GLU A 28 -5.80 22.79 -7.03
N GLU A 29 -7.03 22.89 -6.56
CA GLU A 29 -7.82 21.71 -6.30
C GLU A 29 -9.02 21.53 -7.20
N LYS A 30 -8.93 20.56 -8.12
CA LYS A 30 -10.07 20.26 -8.99
C LYS A 30 -10.86 19.29 -8.14
N LYS A 31 -11.94 19.79 -7.55
CA LYS A 31 -12.78 18.98 -6.68
C LYS A 31 -13.95 18.33 -7.41
N TYR A 32 -14.08 17.02 -7.26
CA TYR A 32 -15.18 16.28 -7.88
C TYR A 32 -16.20 16.01 -6.78
N THR A 33 -17.46 15.87 -7.15
CA THR A 33 -18.52 15.65 -6.17
C THR A 33 -19.42 14.46 -6.52
N MET A 34 -20.01 13.87 -5.48
CA MET A 34 -20.93 12.75 -5.65
C MET A 34 -22.36 13.31 -5.60
N GLY A 35 -23.22 12.85 -6.49
CA GLY A 35 -24.60 13.32 -6.54
C GLY A 35 -25.40 13.06 -5.27
N ASP A 36 -25.88 14.13 -4.64
CA ASP A 36 -26.65 14.05 -3.40
C ASP A 36 -27.98 13.28 -3.45
N ALA A 37 -28.19 12.51 -4.50
CA ALA A 37 -29.40 11.70 -4.63
C ALA A 37 -29.29 10.62 -3.55
N PRO A 38 -30.41 9.97 -3.20
CA PRO A 38 -30.36 8.89 -2.19
C PRO A 38 -29.19 7.96 -2.48
N ASP A 39 -29.03 7.63 -3.76
CA ASP A 39 -27.93 6.81 -4.24
C ASP A 39 -26.94 7.87 -4.75
N TYR A 40 -25.69 7.81 -4.30
CA TYR A 40 -24.73 8.81 -4.73
C TYR A 40 -24.02 8.46 -6.04
N ASP A 41 -24.29 9.27 -7.06
CA ASP A 41 -23.72 9.11 -8.40
C ASP A 41 -22.25 9.57 -8.39
N ARG A 42 -21.37 8.68 -8.81
CA ARG A 42 -19.93 8.98 -8.84
C ARG A 42 -19.42 9.21 -10.26
N SER A 43 -20.33 9.39 -11.21
CA SER A 43 -19.95 9.60 -12.60
C SER A 43 -19.38 10.97 -12.99
N GLN A 44 -19.33 11.89 -12.04
CA GLN A 44 -18.80 13.24 -12.30
C GLN A 44 -17.32 13.13 -12.66
N TRP A 45 -16.59 12.33 -11.87
CA TRP A 45 -15.17 12.11 -12.10
C TRP A 45 -15.00 11.35 -13.39
N LEU A 46 -15.75 10.27 -13.53
CA LEU A 46 -15.72 9.40 -14.70
C LEU A 46 -15.63 10.16 -16.03
N ASN A 47 -16.45 11.19 -16.17
CA ASN A 47 -16.48 11.98 -17.39
C ASN A 47 -15.11 12.53 -17.77
N GLU A 48 -14.30 12.88 -16.77
CA GLU A 48 -12.96 13.40 -17.00
C GLU A 48 -11.88 12.33 -16.88
N LYS A 49 -12.13 11.37 -16.00
CA LYS A 49 -11.23 10.26 -15.70
C LYS A 49 -10.20 9.93 -16.76
N PHE A 50 -10.65 9.78 -18.01
CA PHE A 50 -9.75 9.44 -19.11
C PHE A 50 -9.20 10.59 -19.91
N LYS A 51 -9.82 11.76 -19.78
CA LYS A 51 -9.36 12.94 -20.50
C LYS A 51 -8.17 13.64 -19.84
N LEU A 52 -7.99 13.43 -18.53
CA LEU A 52 -6.87 14.04 -17.81
C LEU A 52 -5.54 13.57 -18.38
N GLY A 53 -5.56 12.36 -18.94
CA GLY A 53 -4.35 11.80 -19.53
C GLY A 53 -3.40 11.28 -18.47
N LEU A 54 -3.92 10.43 -17.59
CA LEU A 54 -3.11 9.84 -16.53
C LEU A 54 -2.78 8.39 -16.89
N ASP A 55 -1.57 7.97 -16.57
CA ASP A 55 -1.12 6.61 -16.84
C ASP A 55 -2.07 5.59 -16.24
N PHE A 56 -2.39 5.79 -14.96
CA PHE A 56 -3.30 4.89 -14.26
C PHE A 56 -4.40 5.72 -13.62
N PRO A 57 -5.41 6.12 -14.40
CA PRO A 57 -6.49 6.96 -13.87
C PRO A 57 -7.02 6.44 -12.55
N ASN A 58 -7.13 7.36 -11.60
CA ASN A 58 -7.61 7.08 -10.26
C ASN A 58 -7.58 8.39 -9.49
N LEU A 59 -8.34 8.46 -8.40
CA LEU A 59 -8.34 9.65 -7.53
C LEU A 59 -7.82 9.17 -6.19
N PRO A 60 -6.94 9.95 -5.53
CA PRO A 60 -6.41 11.25 -5.94
C PRO A 60 -5.30 11.23 -6.98
N TYR A 61 -5.06 12.38 -7.60
CA TYR A 61 -4.03 12.58 -8.61
C TYR A 61 -3.43 13.97 -8.47
N LEU A 62 -2.24 14.13 -9.01
CA LEU A 62 -1.53 15.40 -8.99
C LEU A 62 -0.81 15.53 -10.31
N ILE A 63 -1.06 16.63 -11.01
CA ILE A 63 -0.42 16.86 -12.29
C ILE A 63 0.55 18.03 -12.12
N ASP A 64 1.71 17.93 -12.76
CA ASP A 64 2.72 18.98 -12.66
C ASP A 64 3.65 18.92 -13.87
N GLY A 65 3.38 19.77 -14.85
CA GLY A 65 4.21 19.82 -16.05
C GLY A 65 4.35 18.45 -16.70
N THR A 66 5.56 17.90 -16.70
CA THR A 66 5.82 16.59 -17.29
C THR A 66 5.78 15.55 -16.17
N HIS A 67 4.80 15.66 -15.29
CA HIS A 67 4.66 14.72 -14.18
C HIS A 67 3.22 14.63 -13.68
N LYS A 68 2.51 13.60 -14.12
CA LYS A 68 1.12 13.37 -13.69
C LYS A 68 1.17 12.15 -12.79
N ILE A 69 1.22 12.39 -11.49
CA ILE A 69 1.30 11.30 -10.51
C ILE A 69 -0.04 10.82 -9.99
N THR A 70 -0.13 9.51 -9.73
CA THR A 70 -1.34 8.90 -9.20
C THR A 70 -0.92 8.04 -8.00
N GLN A 71 -1.89 7.47 -7.28
CA GLN A 71 -1.63 6.65 -6.08
C GLN A 71 -1.19 7.55 -4.93
N SER A 72 -2.02 7.64 -3.90
CA SER A 72 -1.77 8.46 -2.72
C SER A 72 -0.30 8.56 -2.32
N ASN A 73 0.33 7.41 -2.04
CA ASN A 73 1.73 7.38 -1.65
C ASN A 73 2.63 7.94 -2.72
N ALA A 74 2.38 7.57 -3.97
CA ALA A 74 3.19 8.03 -5.10
C ALA A 74 3.14 9.54 -5.26
N ILE A 75 2.03 10.14 -4.86
CA ILE A 75 1.88 11.60 -4.95
C ILE A 75 2.69 12.25 -3.84
N LEU A 76 2.53 11.75 -2.61
CA LEU A 76 3.26 12.30 -1.46
C LEU A 76 4.78 12.22 -1.65
N ARG A 77 5.30 11.04 -1.96
CA ARG A 77 6.75 10.89 -2.15
C ARG A 77 7.29 11.90 -3.14
N TYR A 78 6.53 12.17 -4.19
CA TYR A 78 6.93 13.11 -5.22
C TYR A 78 7.16 14.50 -4.64
N ILE A 79 6.19 14.99 -3.89
CA ILE A 79 6.28 16.30 -3.28
C ILE A 79 7.42 16.32 -2.27
N ALA A 80 7.35 15.40 -1.31
CA ALA A 80 8.36 15.27 -0.27
C ALA A 80 9.76 15.29 -0.86
N ARG A 81 9.97 14.50 -1.91
CA ARG A 81 11.27 14.40 -2.56
C ARG A 81 11.81 15.78 -2.99
N LYS A 82 10.94 16.60 -3.55
CA LYS A 82 11.32 17.94 -4.00
C LYS A 82 11.57 18.90 -2.85
N HIS A 83 11.37 18.44 -1.62
CA HIS A 83 11.58 19.30 -0.46
C HIS A 83 12.35 18.58 0.67
N ASN A 84 13.17 17.60 0.29
CA ASN A 84 13.97 16.81 1.24
C ASN A 84 13.19 16.36 2.48
N LEU A 85 11.97 15.89 2.28
CA LEU A 85 11.16 15.43 3.40
C LEU A 85 11.11 13.92 3.47
N CYS A 86 12.16 13.28 2.97
CA CYS A 86 12.24 11.83 2.96
C CYS A 86 13.51 11.35 3.67
N GLY A 87 13.46 10.14 4.22
CA GLY A 87 14.59 9.56 4.93
C GLY A 87 15.84 9.58 4.07
N GLU A 88 17.00 9.66 4.72
CA GLU A 88 18.28 9.72 3.99
C GLU A 88 19.17 8.49 4.16
N SER A 89 18.99 7.76 5.26
CA SER A 89 19.80 6.59 5.53
C SER A 89 18.95 5.34 5.63
N GLU A 90 19.53 4.19 5.28
CA GLU A 90 18.84 2.90 5.32
C GLU A 90 17.98 2.77 6.57
N LYS A 91 18.52 3.23 7.71
CA LYS A 91 17.83 3.18 8.98
C LYS A 91 16.49 3.94 8.92
N GLU A 92 16.58 5.25 8.74
CA GLU A 92 15.42 6.13 8.65
C GLU A 92 14.52 5.65 7.53
N GLN A 93 15.10 4.97 6.55
CA GLN A 93 14.36 4.46 5.42
C GLN A 93 13.54 3.21 5.72
N ILE A 94 14.10 2.27 6.47
CA ILE A 94 13.34 1.05 6.80
C ILE A 94 12.14 1.47 7.65
N ARG A 95 12.38 2.40 8.58
CA ARG A 95 11.32 2.91 9.46
C ARG A 95 10.27 3.58 8.57
N GLU A 96 10.76 4.39 7.63
CA GLU A 96 9.94 5.14 6.68
C GLU A 96 8.97 4.27 5.88
N ASP A 97 9.48 3.20 5.29
CA ASP A 97 8.65 2.29 4.49
C ASP A 97 7.71 1.50 5.38
N ILE A 98 8.22 0.97 6.49
CA ILE A 98 7.37 0.21 7.40
C ILE A 98 6.17 1.06 7.76
N LEU A 99 6.41 2.30 8.18
CA LEU A 99 5.34 3.21 8.54
C LEU A 99 4.46 3.51 7.34
N GLU A 100 5.09 3.93 6.25
CA GLU A 100 4.40 4.26 5.01
C GLU A 100 3.35 3.22 4.64
N ASN A 101 3.75 1.95 4.70
CA ASN A 101 2.87 0.84 4.37
C ASN A 101 1.86 0.57 5.48
N GLN A 102 2.38 0.39 6.70
CA GLN A 102 1.59 0.11 7.90
C GLN A 102 0.41 1.05 8.02
N PHE A 103 0.70 2.35 8.06
CA PHE A 103 -0.33 3.37 8.18
C PHE A 103 -1.43 3.18 7.14
N MET A 104 -1.07 2.63 5.99
CA MET A 104 -2.01 2.37 4.91
C MET A 104 -2.97 1.27 5.29
N ASP A 105 -2.44 0.15 5.76
CA ASP A 105 -3.28 -0.96 6.17
C ASP A 105 -4.23 -0.43 7.24
N SER A 106 -3.65 0.32 8.17
CA SER A 106 -4.39 0.92 9.29
C SER A 106 -5.45 1.87 8.76
N ARG A 107 -5.11 2.60 7.70
CA ARG A 107 -6.02 3.55 7.09
C ARG A 107 -7.20 2.77 6.56
N MET A 108 -6.91 1.57 6.07
CA MET A 108 -7.93 0.70 5.51
C MET A 108 -8.90 0.19 6.59
N GLN A 109 -8.36 -0.39 7.65
CA GLN A 109 -9.18 -0.94 8.75
C GLN A 109 -10.30 -0.02 9.18
N LEU A 110 -9.98 1.25 9.44
CA LEU A 110 -10.98 2.22 9.86
C LEU A 110 -11.94 2.48 8.71
N ALA A 111 -11.40 2.66 7.51
CA ALA A 111 -12.21 2.92 6.34
C ALA A 111 -13.21 1.81 6.07
N LYS A 112 -12.83 0.58 6.40
CA LYS A 112 -13.70 -0.57 6.20
C LYS A 112 -15.05 -0.36 6.87
N LEU A 113 -15.02 0.03 8.14
CA LEU A 113 -16.23 0.29 8.91
C LEU A 113 -17.19 1.13 8.08
N CYS A 114 -16.68 2.23 7.54
CA CYS A 114 -17.49 3.14 6.73
C CYS A 114 -18.01 2.53 5.43
N TYR A 115 -17.16 1.75 4.76
CA TYR A 115 -17.54 1.12 3.49
C TYR A 115 -18.64 0.08 3.70
N ASP A 116 -18.59 -0.62 4.83
CA ASP A 116 -19.57 -1.65 5.14
C ASP A 116 -20.86 -1.10 5.75
N PRO A 117 -22.01 -1.43 5.14
CA PRO A 117 -23.34 -1.01 5.59
C PRO A 117 -23.64 -1.33 7.05
N ASP A 118 -23.26 -2.53 7.49
CA ASP A 118 -23.51 -2.92 8.87
C ASP A 118 -22.45 -2.38 9.84
N PHE A 119 -22.20 -1.08 9.71
CA PHE A 119 -21.24 -0.39 10.53
C PHE A 119 -21.60 -0.47 12.01
N GLU A 120 -22.76 0.08 12.36
CA GLU A 120 -23.22 0.11 13.75
C GLU A 120 -23.01 -1.17 14.54
N LYS A 121 -23.28 -2.31 13.91
CA LYS A 121 -23.12 -3.60 14.58
C LYS A 121 -21.65 -4.02 14.64
N LEU A 122 -20.87 -3.60 13.64
CA LEU A 122 -19.46 -3.95 13.57
C LEU A 122 -18.49 -2.94 14.17
N LYS A 123 -19.00 -1.75 14.47
CA LYS A 123 -18.19 -0.69 15.05
C LYS A 123 -17.38 -1.14 16.27
N PRO A 124 -18.01 -1.84 17.23
CA PRO A 124 -17.28 -2.29 18.43
C PRO A 124 -15.97 -2.99 18.14
N GLU A 125 -15.98 -3.89 17.17
CA GLU A 125 -14.80 -4.65 16.77
C GLU A 125 -13.55 -3.78 16.66
N TYR A 126 -13.64 -2.70 15.88
CA TYR A 126 -12.52 -1.79 15.68
C TYR A 126 -12.12 -1.11 16.97
N LEU A 127 -13.12 -0.69 17.73
CA LEU A 127 -12.91 -0.01 19.00
C LEU A 127 -12.08 -0.88 19.97
N GLN A 128 -12.45 -2.14 20.11
CA GLN A 128 -11.75 -3.06 21.02
C GLN A 128 -10.30 -3.36 20.62
N ALA A 129 -10.02 -3.36 19.32
CA ALA A 129 -8.69 -3.66 18.82
C ALA A 129 -7.77 -2.45 18.85
N LEU A 130 -8.36 -1.26 18.73
CA LEU A 130 -7.62 0.00 18.72
C LEU A 130 -6.36 0.02 19.58
N PRO A 131 -6.50 -0.10 20.93
CA PRO A 131 -5.36 -0.02 21.83
C PRO A 131 -4.11 -0.79 21.40
N GLU A 132 -4.28 -2.03 20.94
CA GLU A 132 -3.15 -2.85 20.51
C GLU A 132 -2.35 -2.21 19.39
N MET A 133 -3.04 -1.77 18.35
CA MET A 133 -2.36 -1.15 17.22
C MET A 133 -1.94 0.28 17.56
N LEU A 134 -2.45 0.80 18.69
CA LEU A 134 -2.11 2.15 19.13
C LEU A 134 -0.77 2.14 19.88
N LYS A 135 -0.68 1.28 20.91
CA LYS A 135 0.53 1.15 21.71
C LYS A 135 1.74 0.87 20.83
N LEU A 136 1.49 0.17 19.72
CA LEU A 136 2.54 -0.17 18.76
C LEU A 136 3.16 1.10 18.19
N TYR A 137 2.30 2.04 17.81
CA TYR A 137 2.75 3.32 17.27
C TYR A 137 3.43 4.16 18.33
N SER A 138 2.77 4.26 19.49
CA SER A 138 3.31 5.02 20.60
C SER A 138 4.62 4.46 21.13
N GLN A 139 4.86 3.18 20.88
CA GLN A 139 6.10 2.52 21.32
C GLN A 139 7.18 2.78 20.27
N PHE A 140 6.83 2.55 19.01
CA PHE A 140 7.75 2.77 17.90
C PHE A 140 8.21 4.23 17.90
N LEU A 141 7.28 5.15 18.11
CA LEU A 141 7.60 6.57 18.16
C LEU A 141 8.45 6.84 19.40
N GLY A 142 7.97 6.36 20.53
CA GLY A 142 8.69 6.55 21.78
C GLY A 142 8.95 8.01 22.15
N LYS A 143 10.22 8.31 22.40
CA LYS A 143 10.66 9.63 22.81
C LYS A 143 10.94 10.58 21.62
N GLN A 144 10.61 10.16 20.41
CA GLN A 144 10.86 10.97 19.22
C GLN A 144 9.85 12.11 19.03
N PRO A 145 10.35 13.30 18.66
CA PRO A 145 9.44 14.43 18.39
C PRO A 145 8.67 14.14 17.12
N TRP A 146 9.30 13.49 16.15
CA TRP A 146 8.66 13.12 14.90
C TRP A 146 8.94 11.65 14.71
N PHE A 147 7.98 10.92 14.16
CA PHE A 147 8.10 9.48 13.96
C PHE A 147 9.44 8.91 13.53
N LEU A 148 10.17 9.64 12.70
CA LEU A 148 11.47 9.15 12.27
C LEU A 148 12.58 9.52 13.24
N GLY A 149 12.53 10.73 13.78
CA GLY A 149 13.55 11.15 14.72
C GLY A 149 13.44 12.61 15.07
N ASP A 150 14.53 13.35 14.85
CA ASP A 150 14.58 14.78 15.14
C ASP A 150 14.32 15.65 13.91
N LYS A 151 13.89 15.01 12.82
CA LYS A 151 13.61 15.71 11.58
C LYS A 151 12.23 15.25 11.10
N ILE A 152 11.47 16.15 10.51
CA ILE A 152 10.15 15.80 10.03
C ILE A 152 10.21 15.32 8.58
N THR A 153 9.53 14.22 8.30
CA THR A 153 9.48 13.63 6.97
C THR A 153 8.04 13.54 6.48
N PHE A 154 7.82 13.09 5.25
CA PHE A 154 6.46 12.98 4.74
C PHE A 154 5.61 12.05 5.59
N VAL A 155 6.26 11.01 6.12
CA VAL A 155 5.59 9.99 6.93
C VAL A 155 4.80 10.51 8.14
N ASP A 156 5.10 11.72 8.57
CA ASP A 156 4.37 12.30 9.69
C ASP A 156 3.01 12.77 9.21
N PHE A 157 2.96 13.31 7.99
CA PHE A 157 1.71 13.79 7.40
C PHE A 157 0.73 12.63 7.26
N ILE A 158 1.26 11.44 7.03
CA ILE A 158 0.44 10.25 6.91
C ILE A 158 -0.04 9.91 8.31
N ALA A 159 0.93 9.85 9.22
CA ALA A 159 0.69 9.51 10.62
C ALA A 159 -0.41 10.36 11.23
N TYR A 160 -0.17 11.67 11.29
CA TYR A 160 -1.13 12.59 11.86
C TYR A 160 -2.54 12.30 11.41
N ASP A 161 -2.72 12.12 10.12
CA ASP A 161 -4.03 11.86 9.59
C ASP A 161 -4.64 10.58 10.13
N VAL A 162 -3.92 9.47 10.04
CA VAL A 162 -4.45 8.20 10.54
C VAL A 162 -4.74 8.25 12.04
N LEU A 163 -4.10 9.18 12.73
CA LEU A 163 -4.28 9.33 14.17
C LEU A 163 -5.41 10.30 14.52
N GLU A 164 -5.65 11.31 13.67
CA GLU A 164 -6.74 12.25 13.92
C GLU A 164 -8.05 11.54 13.59
N ARG A 165 -8.04 10.74 12.52
CA ARG A 165 -9.21 9.98 12.10
C ARG A 165 -9.74 9.14 13.25
N ASN A 166 -8.83 8.49 13.96
CA ASN A 166 -9.22 7.67 15.11
C ASN A 166 -9.61 8.55 16.30
N GLN A 167 -9.08 9.76 16.32
CA GLN A 167 -9.36 10.71 17.40
C GLN A 167 -10.80 11.23 17.31
N VAL A 168 -11.28 11.48 16.08
CA VAL A 168 -12.65 11.98 15.87
C VAL A 168 -13.67 10.84 15.99
N PHE A 169 -13.23 9.64 15.66
CA PHE A 169 -14.06 8.46 15.75
C PHE A 169 -14.33 8.27 17.24
N GLU A 170 -13.26 8.20 18.02
CA GLU A 170 -13.32 8.02 19.46
C GLU A 170 -12.21 8.81 20.15
N PRO A 171 -12.54 9.98 20.73
CA PRO A 171 -11.61 10.89 21.41
C PRO A 171 -10.80 10.31 22.57
N SER A 172 -11.37 9.37 23.30
CA SER A 172 -10.69 8.75 24.44
C SER A 172 -9.58 7.79 24.01
N CYS A 173 -9.57 7.41 22.74
CA CYS A 173 -8.58 6.48 22.19
C CYS A 173 -7.12 6.86 22.43
N LEU A 174 -6.86 8.15 22.55
CA LEU A 174 -5.49 8.63 22.74
C LEU A 174 -5.11 9.03 24.17
N ASP A 175 -6.09 9.10 25.07
CA ASP A 175 -5.83 9.49 26.46
C ASP A 175 -4.83 8.62 27.20
N ALA A 176 -4.79 7.34 26.88
CA ALA A 176 -3.86 6.45 27.55
C ALA A 176 -2.46 6.53 26.93
N PHE A 177 -2.36 7.17 25.77
CA PHE A 177 -1.09 7.31 25.07
C PHE A 177 -0.71 8.79 25.01
N PRO A 178 -0.03 9.27 26.07
CA PRO A 178 0.35 10.68 26.14
C PRO A 178 1.20 11.12 24.95
N ASN A 179 2.30 10.42 24.68
CA ASN A 179 3.17 10.82 23.57
C ASN A 179 2.47 10.89 22.22
N LEU A 180 1.51 9.98 21.97
CA LEU A 180 0.79 10.00 20.70
C LEU A 180 -0.08 11.25 20.62
N LYS A 181 -0.83 11.53 21.69
CA LYS A 181 -1.67 12.72 21.68
C LYS A 181 -0.78 13.96 21.63
N ASP A 182 0.38 13.88 22.29
CA ASP A 182 1.32 14.99 22.28
C ASP A 182 1.86 15.18 20.87
N PHE A 183 2.05 14.07 20.15
CA PHE A 183 2.53 14.08 18.78
C PHE A 183 1.63 14.95 17.91
N ILE A 184 0.33 14.75 18.07
CA ILE A 184 -0.69 15.47 17.31
C ILE A 184 -0.69 16.96 17.61
N SER A 185 -0.51 17.30 18.88
CA SER A 185 -0.49 18.70 19.30
C SER A 185 0.74 19.43 18.76
N ARG A 186 1.79 18.68 18.51
CA ARG A 186 3.03 19.21 17.97
C ARG A 186 2.83 19.45 16.47
N PHE A 187 2.19 18.50 15.80
CA PHE A 187 1.92 18.61 14.36
C PHE A 187 1.02 19.81 14.17
N GLU A 188 -0.02 19.91 14.99
CA GLU A 188 -0.93 21.04 14.95
C GLU A 188 -0.28 22.18 15.73
N GLY A 189 0.98 22.43 15.43
CA GLY A 189 1.73 23.48 16.08
C GLY A 189 2.61 24.19 15.06
N LEU A 190 2.89 23.48 13.98
CA LEU A 190 3.71 24.01 12.88
C LEU A 190 3.02 25.24 12.32
N GLU A 191 3.74 26.35 12.29
CA GLU A 191 3.21 27.61 11.77
C GLU A 191 2.40 27.36 10.49
N LYS A 192 3.10 26.83 9.49
CA LYS A 192 2.52 26.53 8.20
C LYS A 192 1.25 25.67 8.28
N ILE A 193 1.12 24.86 9.32
CA ILE A 193 -0.04 24.01 9.50
C ILE A 193 -1.16 24.76 10.21
N SER A 194 -0.85 25.30 11.38
CA SER A 194 -1.83 26.05 12.17
C SER A 194 -2.48 27.09 11.28
N ALA A 195 -1.65 27.84 10.57
CA ALA A 195 -2.14 28.87 9.67
C ALA A 195 -3.16 28.28 8.72
N TYR A 196 -2.86 27.09 8.18
CA TYR A 196 -3.76 26.43 7.24
C TYR A 196 -5.10 26.09 7.88
N MET A 197 -5.10 25.76 9.16
CA MET A 197 -6.34 25.42 9.83
C MET A 197 -7.16 26.66 10.10
N LYS A 198 -6.59 27.81 9.75
CA LYS A 198 -7.23 29.11 9.91
C LYS A 198 -7.37 29.76 8.53
N SER A 199 -7.54 28.93 7.50
CA SER A 199 -7.67 29.41 6.13
C SER A 199 -9.09 29.71 5.73
N SER A 200 -9.23 30.34 4.57
CA SER A 200 -10.53 30.69 4.03
C SER A 200 -11.15 29.47 3.35
N ARG A 201 -10.34 28.45 3.10
CA ARG A 201 -10.84 27.24 2.46
C ARG A 201 -10.71 25.96 3.25
N PHE A 202 -11.86 25.48 3.72
CA PHE A 202 -12.01 24.25 4.51
C PHE A 202 -13.44 23.75 4.19
N LEU A 203 -13.75 22.52 4.62
CA LEU A 203 -15.06 21.91 4.35
C LEU A 203 -16.27 22.84 4.45
N PRO A 204 -17.06 22.91 3.37
CA PRO A 204 -18.29 23.71 3.29
C PRO A 204 -19.43 23.05 4.08
N ARG A 205 -19.42 21.73 4.05
CA ARG A 205 -20.40 20.92 4.74
C ARG A 205 -19.59 19.97 5.63
N PRO A 206 -20.24 19.14 6.46
CA PRO A 206 -19.51 18.28 7.40
C PRO A 206 -18.53 17.28 6.80
N VAL A 207 -17.80 16.61 7.69
CA VAL A 207 -16.83 15.59 7.32
C VAL A 207 -17.58 14.40 6.74
N PHE A 208 -16.99 13.75 5.73
CA PHE A 208 -17.61 12.60 5.08
C PHE A 208 -18.93 13.03 4.45
N THR A 209 -18.88 14.18 3.76
CA THR A 209 -20.05 14.76 3.09
C THR A 209 -20.83 13.71 2.29
N LYS A 210 -20.11 12.83 1.61
CA LYS A 210 -20.72 11.79 0.82
C LYS A 210 -20.26 10.44 1.32
N MET A 211 -21.21 9.50 1.39
CA MET A 211 -20.98 8.13 1.85
C MET A 211 -20.90 8.08 3.39
N ALA A 212 -21.30 6.93 3.92
CA ALA A 212 -21.28 6.66 5.35
C ALA A 212 -21.97 7.67 6.27
N VAL A 213 -22.90 7.18 7.08
CA VAL A 213 -23.61 8.03 8.04
C VAL A 213 -22.56 8.56 9.02
N PHE A 214 -21.34 8.05 8.89
CA PHE A 214 -20.20 8.46 9.68
C PHE A 214 -19.73 9.79 9.09
N GLY A 215 -20.66 10.72 8.96
CA GLY A 215 -20.35 12.03 8.42
C GLY A 215 -21.42 12.51 7.45
N ASN A 216 -21.84 11.65 6.54
CA ASN A 216 -22.87 11.97 5.55
C ASN A 216 -24.14 12.44 6.25
N LYS A 217 -24.49 11.74 7.34
CA LYS A 217 -25.67 12.08 8.13
C LYS A 217 -25.29 12.01 9.61
N PRO B 1 23.05 -15.08 7.66
CA PRO B 1 21.81 -15.67 7.06
C PRO B 1 20.56 -14.88 7.41
N MET B 2 19.90 -14.33 6.38
CA MET B 2 18.68 -13.57 6.58
C MET B 2 17.59 -14.53 7.00
N THR B 3 16.46 -13.99 7.43
CA THR B 3 15.36 -14.83 7.88
C THR B 3 14.04 -14.34 7.27
N LEU B 4 13.39 -15.20 6.48
CA LEU B 4 12.11 -14.87 5.88
C LEU B 4 11.09 -15.45 6.87
N GLY B 5 9.85 -15.64 6.44
CA GLY B 5 8.86 -16.20 7.35
C GLY B 5 7.43 -15.96 6.96
N TYR B 6 6.77 -16.99 6.43
CA TYR B 6 5.38 -16.88 6.01
C TYR B 6 4.69 -18.24 6.10
N TRP B 7 3.37 -18.23 5.87
CA TRP B 7 2.59 -19.46 5.90
C TRP B 7 3.13 -20.39 4.83
N ASN B 8 2.90 -21.68 5.02
CA ASN B 8 3.36 -22.73 4.11
C ASN B 8 2.91 -22.50 2.67
N ILE B 9 1.71 -21.94 2.53
CA ILE B 9 1.14 -21.65 1.23
C ILE B 9 1.75 -20.38 0.61
N ARG B 10 2.13 -20.46 -0.66
CA ARG B 10 2.73 -19.40 -1.48
C ARG B 10 2.52 -17.97 -0.99
N GLY B 11 1.25 -17.55 -0.91
CA GLY B 11 0.91 -16.22 -0.43
C GLY B 11 1.49 -15.06 -1.22
N LEU B 12 1.83 -13.99 -0.51
CA LEU B 12 2.39 -12.80 -1.15
C LEU B 12 3.91 -12.72 -1.04
N ALA B 13 4.51 -13.61 -0.24
CA ALA B 13 5.96 -13.62 -0.06
C ALA B 13 6.71 -14.26 -1.22
N HIS B 14 6.02 -14.44 -2.33
CA HIS B 14 6.63 -15.06 -3.50
C HIS B 14 7.66 -14.12 -4.14
N SER B 15 7.38 -12.82 -4.09
CA SER B 15 8.27 -11.81 -4.68
C SER B 15 9.61 -11.71 -3.96
N ILE B 16 9.56 -11.78 -2.63
CA ILE B 16 10.77 -11.70 -1.82
C ILE B 16 11.63 -12.92 -2.11
N ARG B 17 11.00 -14.08 -2.21
CA ARG B 17 11.73 -15.33 -2.50
C ARG B 17 12.50 -15.16 -3.80
N LEU B 18 11.78 -14.79 -4.86
CA LEU B 18 12.36 -14.59 -6.18
C LEU B 18 13.50 -13.58 -6.16
N LEU B 19 13.28 -12.44 -5.52
CA LEU B 19 14.32 -11.41 -5.44
C LEU B 19 15.54 -11.93 -4.70
N LEU B 20 15.30 -12.58 -3.55
CA LEU B 20 16.37 -13.15 -2.74
C LEU B 20 17.19 -14.15 -3.53
N GLU B 21 16.51 -14.92 -4.39
CA GLU B 21 17.19 -15.91 -5.22
C GLU B 21 17.88 -15.24 -6.39
N TYR B 22 17.31 -14.16 -6.88
CA TYR B 22 17.92 -13.45 -7.99
C TYR B 22 19.15 -12.71 -7.49
N THR B 23 19.15 -12.31 -6.22
CA THR B 23 20.27 -11.57 -5.66
C THR B 23 21.28 -12.46 -4.91
N ASP B 24 21.08 -13.78 -5.01
CA ASP B 24 21.96 -14.77 -4.38
C ASP B 24 22.12 -14.59 -2.88
N SER B 25 21.09 -14.07 -2.23
CA SER B 25 21.11 -13.86 -0.79
C SER B 25 20.88 -15.18 -0.05
N SER B 26 21.72 -15.46 0.94
CA SER B 26 21.60 -16.68 1.75
C SER B 26 20.47 -16.42 2.75
N TYR B 27 19.44 -17.25 2.74
CA TYR B 27 18.30 -17.06 3.63
C TYR B 27 17.65 -18.37 4.07
N GLU B 28 17.12 -18.37 5.28
CA GLU B 28 16.45 -19.55 5.81
C GLU B 28 14.98 -19.24 6.01
N GLU B 29 14.14 -20.00 5.33
CA GLU B 29 12.69 -19.83 5.39
C GLU B 29 12.07 -20.53 6.60
N LYS B 30 11.67 -19.75 7.59
CA LYS B 30 11.04 -20.28 8.81
C LYS B 30 9.55 -20.47 8.50
N LYS B 31 9.24 -21.44 7.65
CA LYS B 31 7.86 -21.72 7.23
C LYS B 31 6.88 -22.07 8.35
N TYR B 32 5.72 -21.45 8.30
CA TYR B 32 4.66 -21.69 9.27
C TYR B 32 3.53 -22.43 8.58
N THR B 33 2.51 -22.80 9.33
CA THR B 33 1.36 -23.52 8.78
C THR B 33 0.14 -23.32 9.68
N MET B 34 -1.06 -23.52 9.13
CA MET B 34 -2.29 -23.38 9.90
C MET B 34 -3.05 -24.72 9.98
N GLY B 35 -4.21 -24.70 10.65
CA GLY B 35 -5.03 -25.89 10.77
C GLY B 35 -5.99 -25.94 9.61
N ASP B 36 -6.90 -26.90 9.62
CA ASP B 36 -7.86 -27.03 8.53
C ASP B 36 -9.20 -26.39 8.83
N ALA B 37 -9.99 -26.17 7.79
CA ALA B 37 -11.32 -25.58 7.95
C ALA B 37 -12.19 -26.54 8.74
N PRO B 38 -13.04 -26.00 9.64
CA PRO B 38 -13.18 -24.56 9.91
C PRO B 38 -12.08 -24.02 10.84
N ASP B 39 -11.56 -24.89 11.69
CA ASP B 39 -10.52 -24.51 12.63
C ASP B 39 -9.17 -24.18 12.00
N TYR B 40 -9.07 -22.95 11.48
CA TYR B 40 -7.84 -22.49 10.86
C TYR B 40 -6.90 -21.98 11.94
N ASP B 41 -6.49 -22.89 12.81
CA ASP B 41 -5.59 -22.56 13.92
C ASP B 41 -4.18 -22.30 13.43
N ARG B 42 -3.61 -21.18 13.84
CA ARG B 42 -2.26 -20.79 13.43
C ARG B 42 -1.45 -20.49 14.70
N SER B 43 -1.52 -21.42 15.65
CA SER B 43 -0.86 -21.29 16.93
C SER B 43 0.64 -21.04 16.89
N GLN B 44 1.39 -21.93 16.24
CA GLN B 44 2.85 -21.81 16.17
C GLN B 44 3.33 -20.36 16.02
N TRP B 45 2.75 -19.65 15.04
CA TRP B 45 3.08 -18.25 14.82
C TRP B 45 2.50 -17.44 15.97
N LEU B 46 1.19 -17.56 16.15
CA LEU B 46 0.45 -16.84 17.19
C LEU B 46 1.20 -16.64 18.50
N ASN B 47 1.77 -17.71 19.01
CA ASN B 47 2.53 -17.65 20.25
C ASN B 47 3.80 -16.85 19.98
N GLU B 48 4.57 -17.36 19.03
CA GLU B 48 5.85 -16.77 18.64
C GLU B 48 5.78 -15.27 18.25
N LYS B 49 4.60 -14.84 17.83
CA LYS B 49 4.35 -13.47 17.36
C LYS B 49 5.15 -12.31 17.96
N PHE B 50 5.06 -12.12 19.27
CA PHE B 50 5.75 -11.01 19.94
C PHE B 50 7.17 -11.23 20.47
N LYS B 51 7.51 -12.47 20.80
CA LYS B 51 8.85 -12.79 21.31
C LYS B 51 9.94 -12.51 20.28
N LEU B 52 9.54 -12.44 19.01
CA LEU B 52 10.46 -12.17 17.91
C LEU B 52 11.05 -10.75 17.93
N GLY B 53 10.53 -9.88 18.78
CA GLY B 53 11.06 -8.54 18.85
C GLY B 53 10.72 -7.70 17.64
N LEU B 54 9.65 -8.05 16.96
CA LEU B 54 9.21 -7.28 15.80
C LEU B 54 8.38 -6.13 16.37
N ASP B 55 8.79 -4.89 16.10
CA ASP B 55 8.07 -3.71 16.60
C ASP B 55 6.66 -3.61 16.07
N PHE B 56 6.38 -4.37 15.02
CA PHE B 56 5.08 -4.42 14.40
C PHE B 56 4.84 -5.86 13.92
N PRO B 57 4.63 -6.79 14.85
CA PRO B 57 4.45 -8.21 14.52
C PRO B 57 3.45 -8.34 13.38
N ASN B 58 3.85 -9.04 12.34
CA ASN B 58 3.05 -9.20 11.13
C ASN B 58 3.75 -10.23 10.25
N LEU B 59 3.07 -10.74 9.23
CA LEU B 59 3.65 -11.70 8.30
C LEU B 59 3.41 -11.22 6.89
N PRO B 60 4.44 -11.27 6.03
CA PRO B 60 5.80 -11.76 6.34
C PRO B 60 6.75 -10.76 7.00
N TYR B 61 7.93 -11.27 7.33
CA TYR B 61 8.98 -10.49 7.96
C TYR B 61 10.37 -11.02 7.56
N LEU B 62 11.38 -10.18 7.69
CA LEU B 62 12.75 -10.54 7.36
C LEU B 62 13.70 -10.07 8.47
N ILE B 63 14.44 -10.99 9.07
CA ILE B 63 15.38 -10.65 10.13
C ILE B 63 16.79 -10.57 9.57
N ASP B 64 17.22 -9.38 9.16
CA ASP B 64 18.55 -9.21 8.59
C ASP B 64 19.49 -8.73 9.69
N GLY B 65 20.11 -9.67 10.40
CA GLY B 65 21.03 -9.32 11.46
C GLY B 65 20.35 -8.49 12.53
N THR B 66 20.45 -7.17 12.41
CA THR B 66 19.81 -6.26 13.36
C THR B 66 18.48 -5.81 12.76
N HIS B 67 18.51 -5.42 11.49
CA HIS B 67 17.33 -4.95 10.79
C HIS B 67 16.21 -5.99 10.70
N LYS B 68 15.25 -5.92 11.62
CA LYS B 68 14.11 -6.82 11.62
C LYS B 68 13.01 -6.02 10.92
N ILE B 69 12.51 -6.55 9.81
CA ILE B 69 11.51 -5.85 9.01
C ILE B 69 10.16 -6.54 8.76
N THR B 70 9.10 -5.74 8.69
CA THR B 70 7.75 -6.23 8.41
C THR B 70 7.25 -5.43 7.20
N GLN B 71 6.11 -5.84 6.65
CA GLN B 71 5.50 -5.20 5.47
C GLN B 71 6.19 -5.66 4.20
N SER B 72 5.42 -6.25 3.30
CA SER B 72 5.95 -6.78 2.06
C SER B 72 6.88 -5.81 1.32
N ASN B 73 6.33 -4.69 0.88
CA ASN B 73 7.11 -3.70 0.13
C ASN B 73 8.40 -3.31 0.83
N ALA B 74 8.31 -3.09 2.15
CA ALA B 74 9.47 -2.71 2.96
C ALA B 74 10.59 -3.75 2.83
N ILE B 75 10.22 -5.02 2.95
CA ILE B 75 11.16 -6.12 2.85
C ILE B 75 11.76 -6.18 1.45
N LEU B 76 10.93 -5.93 0.44
CA LEU B 76 11.36 -5.95 -0.94
C LEU B 76 12.36 -4.82 -1.22
N ARG B 77 11.98 -3.60 -0.84
CA ARG B 77 12.81 -2.42 -1.03
C ARG B 77 14.15 -2.54 -0.32
N TYR B 78 14.16 -3.08 0.90
CA TYR B 78 15.40 -3.26 1.65
C TYR B 78 16.40 -4.05 0.81
N ILE B 79 16.00 -5.25 0.42
CA ILE B 79 16.84 -6.14 -0.40
C ILE B 79 17.16 -5.47 -1.72
N ALA B 80 16.16 -4.87 -2.34
CA ALA B 80 16.32 -4.19 -3.62
C ALA B 80 17.33 -3.06 -3.53
N ARG B 81 17.41 -2.44 -2.35
CA ARG B 81 18.33 -1.34 -2.13
C ARG B 81 19.73 -1.86 -1.83
N LYS B 82 19.81 -3.02 -1.18
CA LYS B 82 21.10 -3.62 -0.83
C LYS B 82 21.91 -3.94 -2.08
N HIS B 83 21.24 -4.44 -3.11
CA HIS B 83 21.93 -4.83 -4.33
C HIS B 83 21.68 -3.91 -5.53
N ASN B 84 21.27 -2.68 -5.25
CA ASN B 84 21.03 -1.66 -6.28
C ASN B 84 19.93 -1.89 -7.33
N LEU B 85 18.97 -2.76 -7.04
CA LEU B 85 17.86 -3.01 -7.97
C LEU B 85 16.75 -1.97 -7.85
N CYS B 86 17.04 -0.73 -8.23
CA CYS B 86 16.06 0.34 -8.15
C CYS B 86 16.25 1.47 -9.16
N GLY B 87 15.25 2.35 -9.22
CA GLY B 87 15.28 3.48 -10.12
C GLY B 87 16.09 4.63 -9.58
N GLU B 88 16.95 5.20 -10.41
CA GLU B 88 17.82 6.31 -10.03
C GLU B 88 17.26 7.67 -10.36
N SER B 89 16.99 7.92 -11.63
CA SER B 89 16.47 9.21 -12.06
C SER B 89 15.07 9.49 -11.47
N GLU B 90 14.66 10.76 -11.46
CA GLU B 90 13.35 11.13 -10.94
C GLU B 90 12.26 10.45 -11.77
N LYS B 91 12.57 10.14 -13.03
CA LYS B 91 11.63 9.45 -13.91
C LYS B 91 11.44 8.01 -13.41
N GLU B 92 12.55 7.36 -13.07
CA GLU B 92 12.53 6.00 -12.54
C GLU B 92 11.95 6.01 -11.14
N GLN B 93 12.29 7.05 -10.38
CA GLN B 93 11.81 7.21 -9.02
C GLN B 93 10.29 7.22 -9.04
N ILE B 94 9.72 8.24 -9.68
CA ILE B 94 8.28 8.39 -9.78
C ILE B 94 7.60 7.17 -10.43
N ARG B 95 8.28 6.55 -11.39
CA ARG B 95 7.73 5.39 -12.08
C ARG B 95 7.49 4.23 -11.11
N GLU B 96 8.52 3.85 -10.37
CA GLU B 96 8.41 2.73 -9.43
C GLU B 96 7.40 2.92 -8.30
N ASP B 97 7.17 4.17 -7.90
CA ASP B 97 6.20 4.44 -6.83
C ASP B 97 4.80 4.15 -7.33
N ILE B 98 4.51 4.58 -8.56
CA ILE B 98 3.21 4.36 -9.17
C ILE B 98 2.91 2.87 -9.19
N LEU B 99 3.70 2.12 -9.95
CA LEU B 99 3.54 0.69 -10.09
C LEU B 99 3.53 -0.09 -8.78
N GLU B 100 4.52 0.15 -7.92
CA GLU B 100 4.61 -0.53 -6.63
C GLU B 100 3.28 -0.47 -5.87
N ASN B 101 2.72 0.74 -5.78
CA ASN B 101 1.47 0.95 -5.06
C ASN B 101 0.25 0.45 -5.83
N GLN B 102 0.33 0.48 -7.16
CA GLN B 102 -0.77 0.03 -8.03
C GLN B 102 -0.89 -1.49 -7.96
N PHE B 103 0.22 -2.18 -8.22
CA PHE B 103 0.23 -3.64 -8.18
C PHE B 103 -0.32 -4.12 -6.85
N MET B 104 0.02 -3.41 -5.78
CA MET B 104 -0.47 -3.79 -4.46
C MET B 104 -1.98 -3.75 -4.52
N ASP B 105 -2.54 -2.71 -5.13
CA ASP B 105 -3.99 -2.58 -5.25
C ASP B 105 -4.54 -3.80 -5.97
N SER B 106 -4.05 -4.05 -7.18
CA SER B 106 -4.50 -5.18 -7.96
C SER B 106 -4.36 -6.50 -7.18
N ARG B 107 -3.26 -6.64 -6.44
CA ARG B 107 -3.00 -7.84 -5.65
C ARG B 107 -4.04 -7.96 -4.54
N MET B 108 -4.58 -6.83 -4.12
CA MET B 108 -5.59 -6.79 -3.08
C MET B 108 -6.93 -7.14 -3.70
N GLN B 109 -7.09 -6.79 -4.97
CA GLN B 109 -8.33 -7.03 -5.72
C GLN B 109 -8.58 -8.51 -5.95
N LEU B 110 -7.55 -9.21 -6.41
CA LEU B 110 -7.64 -10.63 -6.69
C LEU B 110 -7.96 -11.43 -5.44
N ALA B 111 -7.07 -11.35 -4.46
CA ALA B 111 -7.24 -12.09 -3.21
C ALA B 111 -8.59 -11.83 -2.54
N LYS B 112 -9.05 -10.58 -2.57
CA LYS B 112 -10.32 -10.21 -1.94
C LYS B 112 -11.51 -11.03 -2.42
N LEU B 113 -11.40 -11.62 -3.61
CA LEU B 113 -12.47 -12.42 -4.14
C LEU B 113 -12.24 -13.92 -3.93
N CYS B 114 -10.98 -14.32 -3.82
CA CYS B 114 -10.68 -15.73 -3.58
C CYS B 114 -11.05 -16.05 -2.12
N TYR B 115 -10.86 -15.06 -1.25
CA TYR B 115 -11.17 -15.17 0.18
C TYR B 115 -12.66 -14.88 0.41
N ASP B 116 -13.33 -14.45 -0.65
CA ASP B 116 -14.74 -14.10 -0.64
C ASP B 116 -15.66 -15.31 -0.75
N PRO B 117 -16.71 -15.38 0.08
CA PRO B 117 -17.67 -16.49 0.09
C PRO B 117 -18.39 -16.71 -1.24
N ASP B 118 -18.54 -15.65 -2.04
CA ASP B 118 -19.22 -15.77 -3.32
C ASP B 118 -18.27 -15.72 -4.50
N PHE B 119 -17.12 -16.36 -4.37
CA PHE B 119 -16.13 -16.40 -5.44
C PHE B 119 -16.77 -16.89 -6.73
N GLU B 120 -17.56 -17.96 -6.63
CA GLU B 120 -18.23 -18.55 -7.78
C GLU B 120 -19.23 -17.58 -8.41
N LYS B 121 -19.42 -16.42 -7.79
CA LYS B 121 -20.35 -15.41 -8.29
C LYS B 121 -19.66 -14.10 -8.67
N LEU B 122 -18.52 -13.84 -8.05
CA LEU B 122 -17.76 -12.63 -8.34
C LEU B 122 -16.84 -12.85 -9.55
N LYS B 123 -16.44 -14.10 -9.73
CA LYS B 123 -15.56 -14.53 -10.81
C LYS B 123 -15.79 -13.83 -12.15
N PRO B 124 -17.02 -13.89 -12.71
CA PRO B 124 -17.27 -13.29 -14.03
C PRO B 124 -17.04 -11.78 -14.10
N GLU B 125 -17.12 -11.13 -12.95
CA GLU B 125 -16.92 -9.69 -12.85
C GLU B 125 -15.45 -9.34 -13.08
N TYR B 126 -14.59 -9.93 -12.28
CA TYR B 126 -13.15 -9.69 -12.38
C TYR B 126 -12.70 -10.04 -13.79
N LEU B 127 -13.31 -11.07 -14.36
CA LEU B 127 -12.99 -11.49 -15.72
C LEU B 127 -13.23 -10.31 -16.65
N GLN B 128 -14.45 -9.79 -16.61
CA GLN B 128 -14.84 -8.67 -17.46
C GLN B 128 -14.04 -7.39 -17.21
N ALA B 129 -13.49 -7.26 -16.01
CA ALA B 129 -12.70 -6.08 -15.66
C ALA B 129 -11.19 -6.35 -15.61
N LEU B 130 -10.78 -7.50 -16.14
CA LEU B 130 -9.35 -7.84 -16.17
C LEU B 130 -8.65 -7.09 -17.28
N PRO B 131 -9.18 -7.14 -18.51
CA PRO B 131 -8.53 -6.46 -19.63
C PRO B 131 -8.21 -4.98 -19.40
N GLU B 132 -9.06 -4.27 -18.65
CA GLU B 132 -8.82 -2.85 -18.36
C GLU B 132 -7.46 -2.77 -17.68
N MET B 133 -7.36 -3.41 -16.53
CA MET B 133 -6.15 -3.47 -15.72
C MET B 133 -4.99 -3.95 -16.58
N LEU B 134 -5.15 -5.13 -17.15
CA LEU B 134 -4.12 -5.71 -17.98
C LEU B 134 -3.68 -4.85 -19.13
N LYS B 135 -4.56 -4.01 -19.67
CA LYS B 135 -4.16 -3.15 -20.77
C LYS B 135 -3.36 -1.99 -20.23
N LEU B 136 -3.79 -1.46 -19.09
CA LEU B 136 -3.11 -0.35 -18.48
C LEU B 136 -1.63 -0.66 -18.34
N TYR B 137 -1.31 -1.87 -17.90
CA TYR B 137 0.09 -2.27 -17.76
C TYR B 137 0.77 -2.33 -19.13
N SER B 138 0.16 -3.02 -20.07
CA SER B 138 0.75 -3.15 -21.40
C SER B 138 1.01 -1.78 -22.03
N GLN B 139 0.20 -0.78 -21.67
CA GLN B 139 0.39 0.56 -22.20
C GLN B 139 1.55 1.25 -21.48
N PHE B 140 1.80 0.82 -20.25
CA PHE B 140 2.86 1.36 -19.39
C PHE B 140 4.18 0.62 -19.55
N LEU B 141 4.33 -0.10 -20.66
CA LEU B 141 5.55 -0.83 -20.92
C LEU B 141 5.90 -0.69 -22.39
N GLY B 142 4.94 -1.00 -23.26
CA GLY B 142 5.18 -0.88 -24.67
C GLY B 142 6.38 -1.67 -25.13
N LYS B 143 7.39 -0.98 -25.64
CA LYS B 143 8.61 -1.64 -26.12
C LYS B 143 9.73 -1.77 -25.09
N GLN B 144 9.47 -1.29 -23.89
CA GLN B 144 10.46 -1.37 -22.82
C GLN B 144 10.57 -2.81 -22.39
N PRO B 145 11.79 -3.30 -22.16
CA PRO B 145 11.95 -4.66 -21.65
C PRO B 145 11.45 -4.75 -20.21
N TRP B 146 11.80 -3.74 -19.41
CA TRP B 146 11.41 -3.66 -18.00
C TRP B 146 10.57 -2.42 -17.73
N PHE B 147 9.63 -2.51 -16.80
CA PHE B 147 8.75 -1.39 -16.46
C PHE B 147 9.48 -0.08 -16.20
N LEU B 148 10.62 -0.17 -15.51
CA LEU B 148 11.42 1.01 -15.20
C LEU B 148 12.21 1.52 -16.41
N GLY B 149 12.51 0.62 -17.34
CA GLY B 149 13.24 1.02 -18.53
C GLY B 149 14.17 -0.09 -19.00
N ASP B 150 15.45 0.08 -18.70
CA ASP B 150 16.45 -0.90 -19.09
C ASP B 150 17.15 -1.51 -17.90
N LYS B 151 16.45 -1.58 -16.78
CA LYS B 151 16.99 -2.15 -15.56
C LYS B 151 15.91 -2.93 -14.82
N ILE B 152 16.25 -4.15 -14.43
CA ILE B 152 15.31 -4.96 -13.69
C ILE B 152 15.45 -4.52 -12.25
N THR B 153 14.33 -4.16 -11.63
CA THR B 153 14.30 -3.70 -10.24
C THR B 153 13.19 -4.48 -9.54
N PHE B 154 13.01 -4.24 -8.26
CA PHE B 154 11.97 -4.96 -7.50
C PHE B 154 10.58 -4.83 -8.13
N VAL B 155 10.32 -3.73 -8.82
CA VAL B 155 9.02 -3.52 -9.44
C VAL B 155 8.73 -4.68 -10.39
N ASP B 156 9.69 -5.02 -11.22
CA ASP B 156 9.53 -6.10 -12.17
C ASP B 156 9.26 -7.43 -11.48
N PHE B 157 9.72 -7.56 -10.24
CA PHE B 157 9.50 -8.79 -9.47
C PHE B 157 8.08 -8.78 -8.91
N ILE B 158 7.69 -7.63 -8.37
CA ILE B 158 6.35 -7.49 -7.81
C ILE B 158 5.29 -7.62 -8.90
N ALA B 159 5.60 -7.11 -10.10
CA ALA B 159 4.73 -7.13 -11.26
C ALA B 159 4.62 -8.53 -11.81
N TYR B 160 5.67 -9.32 -11.57
CA TYR B 160 5.69 -10.70 -12.04
C TYR B 160 4.69 -11.56 -11.23
N ASP B 161 4.76 -11.51 -9.90
CA ASP B 161 3.86 -12.31 -9.08
C ASP B 161 2.40 -12.03 -9.42
N VAL B 162 2.05 -10.76 -9.56
CA VAL B 162 0.67 -10.41 -9.89
C VAL B 162 0.29 -10.95 -11.25
N LEU B 163 1.06 -10.60 -12.27
CA LEU B 163 0.77 -11.06 -13.63
C LEU B 163 0.76 -12.57 -13.66
N GLU B 164 1.54 -13.16 -12.77
CA GLU B 164 1.64 -14.61 -12.66
C GLU B 164 0.36 -15.16 -12.04
N ARG B 165 -0.05 -14.57 -10.92
CA ARG B 165 -1.26 -14.98 -10.22
C ARG B 165 -2.47 -14.87 -11.14
N ASN B 166 -2.55 -13.78 -11.89
CA ASN B 166 -3.66 -13.57 -12.81
C ASN B 166 -3.64 -14.50 -14.01
N GLN B 167 -2.46 -15.02 -14.35
CA GLN B 167 -2.31 -15.94 -15.47
C GLN B 167 -2.71 -17.35 -15.04
N VAL B 168 -3.11 -17.47 -13.77
CA VAL B 168 -3.55 -18.74 -13.22
C VAL B 168 -5.08 -18.73 -13.31
N PHE B 169 -5.68 -17.67 -12.76
CA PHE B 169 -7.13 -17.47 -12.76
C PHE B 169 -7.71 -17.76 -14.14
N GLU B 170 -7.08 -17.18 -15.15
CA GLU B 170 -7.49 -17.36 -16.53
C GLU B 170 -6.23 -17.29 -17.36
N PRO B 171 -5.66 -18.46 -17.68
CA PRO B 171 -4.42 -18.55 -18.44
C PRO B 171 -4.40 -17.76 -19.75
N SER B 172 -5.58 -17.45 -20.29
CA SER B 172 -5.65 -16.70 -21.54
C SER B 172 -5.75 -15.20 -21.35
N CYS B 173 -6.02 -14.75 -20.13
CA CYS B 173 -6.18 -13.33 -19.83
C CYS B 173 -5.19 -12.38 -20.51
N LEU B 174 -3.90 -12.69 -20.39
CA LEU B 174 -2.87 -11.84 -20.99
C LEU B 174 -2.46 -12.22 -22.41
N ASP B 175 -3.25 -13.04 -23.07
CA ASP B 175 -2.94 -13.44 -24.44
C ASP B 175 -3.10 -12.31 -25.45
N ALA B 176 -4.05 -11.43 -25.20
CA ALA B 176 -4.28 -10.31 -26.10
C ALA B 176 -3.27 -9.20 -25.86
N PHE B 177 -2.30 -9.46 -24.98
CA PHE B 177 -1.28 -8.47 -24.65
C PHE B 177 0.09 -9.10 -24.78
N PRO B 178 0.63 -9.10 -26.00
CA PRO B 178 1.90 -9.71 -26.42
C PRO B 178 3.13 -9.34 -25.61
N ASN B 179 3.27 -8.05 -25.29
CA ASN B 179 4.41 -7.58 -24.52
C ASN B 179 4.35 -8.09 -23.07
N LEU B 180 3.14 -8.20 -22.54
CA LEU B 180 2.97 -8.70 -21.19
C LEU B 180 3.48 -10.15 -21.18
N LYS B 181 3.24 -10.87 -22.27
CA LYS B 181 3.69 -12.25 -22.37
C LYS B 181 5.21 -12.31 -22.48
N ASP B 182 5.79 -11.52 -23.38
CA ASP B 182 7.24 -11.53 -23.54
C ASP B 182 7.93 -11.17 -22.24
N PHE B 183 7.28 -10.35 -21.43
CA PHE B 183 7.83 -9.95 -20.13
C PHE B 183 7.93 -11.17 -19.24
N ILE B 184 6.80 -11.86 -19.07
CA ILE B 184 6.77 -13.05 -18.23
C ILE B 184 7.84 -14.03 -18.68
N SER B 185 7.98 -14.17 -19.99
CA SER B 185 8.98 -15.05 -20.57
C SER B 185 10.35 -14.55 -20.13
N ARG B 186 10.54 -13.25 -20.27
CA ARG B 186 11.78 -12.56 -19.93
C ARG B 186 12.21 -12.81 -18.49
N PHE B 187 11.28 -12.63 -17.57
CA PHE B 187 11.60 -12.82 -16.16
C PHE B 187 11.95 -14.27 -15.90
N GLU B 188 11.08 -15.16 -16.35
CA GLU B 188 11.28 -16.59 -16.15
C GLU B 188 12.57 -17.12 -16.76
N GLY B 189 13.06 -16.46 -17.79
CA GLY B 189 14.28 -16.91 -18.44
C GLY B 189 15.57 -16.26 -17.99
N LEU B 190 15.61 -15.82 -16.72
CA LEU B 190 16.81 -15.19 -16.18
C LEU B 190 17.73 -16.19 -15.51
N GLU B 191 18.99 -16.17 -15.92
CA GLU B 191 20.06 -17.04 -15.43
C GLU B 191 19.79 -17.69 -14.07
N LYS B 192 19.48 -16.87 -13.07
CA LYS B 192 19.22 -17.33 -11.70
C LYS B 192 17.75 -17.67 -11.42
N ILE B 193 16.83 -16.90 -12.01
CA ILE B 193 15.41 -17.13 -11.81
C ILE B 193 15.02 -18.52 -12.32
N SER B 194 15.57 -18.88 -13.47
CA SER B 194 15.30 -20.17 -14.09
C SER B 194 15.75 -21.30 -13.16
N ALA B 195 16.99 -21.19 -12.69
CA ALA B 195 17.57 -22.18 -11.78
C ALA B 195 16.67 -22.38 -10.56
N TYR B 196 16.18 -21.28 -10.00
CA TYR B 196 15.30 -21.37 -8.85
C TYR B 196 13.97 -22.05 -9.25
N MET B 197 13.41 -21.64 -10.38
CA MET B 197 12.16 -22.20 -10.87
C MET B 197 12.23 -23.72 -10.94
N LYS B 198 13.31 -24.21 -11.53
CA LYS B 198 13.53 -25.63 -11.70
C LYS B 198 14.44 -26.18 -10.58
N SER B 199 14.06 -25.91 -9.33
CA SER B 199 14.86 -26.39 -8.20
C SER B 199 14.05 -27.32 -7.32
N SER B 200 14.68 -27.80 -6.26
CA SER B 200 14.01 -28.69 -5.32
C SER B 200 13.55 -27.86 -4.13
N ARG B 201 13.84 -26.56 -4.16
CA ARG B 201 13.45 -25.65 -3.08
C ARG B 201 12.26 -24.77 -3.47
N PHE B 202 11.55 -25.18 -4.51
CA PHE B 202 10.37 -24.46 -4.98
C PHE B 202 9.17 -25.38 -4.78
N LEU B 203 8.56 -25.32 -3.61
CA LEU B 203 7.41 -26.17 -3.31
C LEU B 203 6.36 -25.68 -2.29
N PRO B 204 6.19 -24.35 -2.13
CA PRO B 204 5.12 -23.97 -1.19
C PRO B 204 3.76 -24.10 -1.90
N ARG B 205 2.72 -24.48 -1.16
CA ARG B 205 1.39 -24.67 -1.74
C ARG B 205 0.98 -23.45 -2.59
N PRO B 206 0.24 -23.67 -3.69
CA PRO B 206 -0.20 -22.62 -4.62
C PRO B 206 -0.88 -21.35 -4.09
N VAL B 207 -1.37 -20.55 -5.02
CA VAL B 207 -2.02 -19.28 -4.75
C VAL B 207 -2.89 -19.16 -3.47
N PHE B 208 -2.34 -18.41 -2.52
CA PHE B 208 -2.95 -18.09 -1.22
C PHE B 208 -3.61 -19.16 -0.33
N THR B 209 -4.04 -18.72 0.85
CA THR B 209 -4.67 -19.57 1.89
C THR B 209 -5.69 -20.63 1.50
N LYS B 210 -5.65 -21.73 2.26
CA LYS B 210 -6.53 -22.89 2.08
C LYS B 210 -8.00 -22.58 2.35
N MET B 211 -8.27 -21.41 2.95
CA MET B 211 -9.65 -20.99 3.21
C MET B 211 -10.28 -20.80 1.85
N ALA B 212 -9.52 -20.15 0.98
CA ALA B 212 -9.94 -19.88 -0.37
C ALA B 212 -9.90 -21.17 -1.18
N VAL B 213 -11.01 -21.51 -1.84
CA VAL B 213 -11.08 -22.69 -2.69
C VAL B 213 -10.55 -22.25 -4.08
N PHE B 214 -9.46 -21.50 -4.05
CA PHE B 214 -8.84 -20.97 -5.26
C PHE B 214 -7.42 -21.50 -5.35
N GLY B 215 -7.18 -22.37 -6.34
CA GLY B 215 -5.87 -22.95 -6.55
C GLY B 215 -5.14 -23.30 -5.28
N ASN B 216 -5.81 -24.01 -4.39
CA ASN B 216 -5.22 -24.42 -3.11
C ASN B 216 -4.02 -25.31 -3.38
N LYS B 217 -4.07 -26.03 -4.49
CA LYS B 217 -3.00 -26.92 -4.87
C LYS B 217 -2.92 -27.02 -6.40
N1 GDN C . -4.73 2.98 -3.08
CA1 GDN C . -4.76 4.02 -4.10
C1 GDN C . -4.35 5.37 -3.52
O11 GDN C . -4.64 6.41 -4.14
O12 GDN C . -3.72 5.38 -2.44
CB1 GDN C . -6.15 4.11 -4.71
CG1 GDN C . -7.22 4.41 -3.68
CD1 GDN C . -8.59 4.62 -4.29
OE1 GDN C . -8.85 4.21 -5.42
N2 GDN C . -9.54 4.92 -3.41
CA2 GDN C . -10.90 5.17 -3.83
C2 GDN C . -10.93 6.33 -4.84
O2 GDN C . -10.47 7.43 -4.54
CB2 GDN C . -11.76 5.49 -2.60
SG2 GDN C . -10.82 6.06 -1.15
N3 GDN C . -11.28 6.00 -6.08
CA3 GDN C . -11.37 6.94 -7.19
C3 GDN C . -11.56 6.16 -8.47
O31 GDN C . -12.39 5.22 -8.48
O32 GDN C . -10.88 6.47 -9.45
N1 GDN D . 2.98 -7.38 4.50
CA1 GDN D . 1.70 -6.92 3.97
C1 GDN D . 1.23 -5.66 4.67
O11 GDN D . 0.98 -4.65 3.98
O12 GDN D . 1.11 -5.66 5.92
CB1 GDN D . 0.65 -8.03 4.09
CG1 GDN D . 0.57 -8.66 5.47
CD1 GDN D . -0.66 -9.51 5.66
OE1 GDN D . -1.76 -8.97 5.79
N2 GDN D . -0.53 -10.79 5.33
CA2 GDN D . -1.63 -11.73 5.50
C2 GDN D . -1.27 -12.66 6.66
O2 GDN D . -0.85 -13.79 6.43
CB2 GDN D . -1.88 -12.55 4.21
SG2 GDN D . -2.43 -11.62 2.73
N3 GDN D . -1.10 -12.05 7.81
CA3 GDN D . -0.74 -12.72 9.06
C3 GDN D . -0.33 -11.61 10.01
O31 GDN D . 0.28 -10.62 9.54
O32 GDN D . -0.64 -11.70 11.22
#